data_2OYT
#
_entry.id   2OYT
#
_cell.length_a   48.499
_cell.length_b   66.318
_cell.length_c   100.316
_cell.angle_alpha   90.000
_cell.angle_beta   90.000
_cell.angle_gamma   90.000
#
_symmetry.space_group_name_H-M   'P 21 21 21'
#
loop_
_entity.id
_entity.type
_entity.pdbx_description
1 polymer 'Uracil-DNA glycosylase'
2 polymer 'DNA strand1'
3 polymer 'DNA strand2'
4 water water
#
loop_
_entity_poly.entity_id
_entity_poly.type
_entity_poly.pdbx_seq_one_letter_code
_entity_poly.pdbx_strand_id
1 'polypeptide(L)'
;MEFFGESWKKHLSGEFGKPYFIKLMGFVAEERKHYTVYPPPHQVFTWTQMCDIKDVKVVILGQDPYHGPNQAHGLCFSVQ
RPVPPPPSLENIYKELSTDIEDFVHPGHGDLSGWAKQGVLLLNAVLTVRAHQANSHKERGWEQFTDAVVSWLNQNSNGLV
FLLWGSYAQKKGSAIDRKRHHVLQTAHPSPLSVYRGFFGCRHFSKTNELLQKSGKKPIDWKEL
;
A
2 'polydeoxyribonucleotide' (DT)(DG)(DT)(AAB)(DA)(DT)(DC)(DT)(DT) B
3 'polydeoxyribonucleotide' (DA)(DA)(DA)(DG)(DA)(DT)(4MF)(DA)(DC)(DA) C
#
# COMPACT_ATOMS: atom_id res chain seq x y z
N MET A 1 9.42 -14.60 15.54
CA MET A 1 8.45 -13.63 14.96
C MET A 1 9.01 -12.21 15.00
N GLU A 2 9.09 -11.57 13.84
CA GLU A 2 9.64 -10.23 13.77
C GLU A 2 8.94 -9.31 12.77
N PHE A 3 9.63 -8.26 12.33
CA PHE A 3 9.02 -7.19 11.54
C PHE A 3 8.59 -7.65 10.15
N PHE A 4 9.47 -8.41 9.49
CA PHE A 4 9.17 -9.01 8.18
C PHE A 4 8.47 -10.35 8.33
N GLY A 5 7.42 -10.56 7.55
CA GLY A 5 6.86 -11.91 7.36
C GLY A 5 7.90 -12.79 6.68
N GLU A 6 7.87 -14.08 6.96
CA GLU A 6 8.94 -15.00 6.51
C GLU A 6 9.16 -15.02 5.00
N SER A 7 8.08 -15.16 4.25
CA SER A 7 8.15 -15.27 2.78
C SER A 7 8.65 -14.00 2.12
N TRP A 8 8.31 -12.86 2.73
CA TRP A 8 8.73 -11.55 2.24
C TRP A 8 10.22 -11.34 2.50
N LYS A 9 10.63 -11.68 3.73
CA LYS A 9 12.03 -11.61 4.14
C LYS A 9 12.92 -12.46 3.23
N LYS A 10 12.48 -13.69 2.94
CA LYS A 10 13.20 -14.60 2.05
C LYS A 10 13.52 -13.98 0.68
N HIS A 11 12.57 -13.20 0.15
CA HIS A 11 12.68 -12.69 -1.21
C HIS A 11 13.09 -11.22 -1.32
N LEU A 12 13.32 -10.59 -0.17
CA LEU A 12 13.71 -9.18 -0.14
C LEU A 12 14.99 -8.93 0.67
N SER A 13 15.48 -9.97 1.35
CA SER A 13 16.65 -9.85 2.22
C SER A 13 17.94 -9.50 1.48
N GLY A 14 17.97 -9.74 0.17
CA GLY A 14 19.11 -9.37 -0.68
C GLY A 14 19.32 -7.87 -0.76
N GLU A 15 18.31 -7.11 -0.35
CA GLU A 15 18.39 -5.65 -0.31
C GLU A 15 19.10 -5.14 0.94
N PHE A 16 19.06 -5.93 2.02
CA PHE A 16 19.51 -5.46 3.35
C PHE A 16 20.96 -5.01 3.40
N GLY A 17 21.84 -5.71 2.67
CA GLY A 17 23.27 -5.44 2.68
C GLY A 17 23.71 -4.36 1.70
N LYS A 18 22.79 -3.91 0.87
CA LYS A 18 23.07 -2.88 -0.13
C LYS A 18 23.23 -1.51 0.53
N PRO A 19 24.24 -0.72 0.09
CA PRO A 19 24.52 0.63 0.62
C PRO A 19 23.32 1.55 0.79
N TYR A 20 22.41 1.59 -0.19
CA TYR A 20 21.23 2.46 -0.11
C TYR A 20 20.35 2.10 1.10
N PHE A 21 20.25 0.81 1.39
CA PHE A 21 19.37 0.33 2.47
C PHE A 21 19.97 0.65 3.84
N ILE A 22 21.28 0.50 3.96
CA ILE A 22 21.98 0.85 5.18
C ILE A 22 21.86 2.35 5.45
N LYS A 23 22.02 3.16 4.40
CA LYS A 23 21.87 4.62 4.51
C LYS A 23 20.43 5.04 4.80
N LEU A 24 19.47 4.28 4.25
CA LEU A 24 18.06 4.50 4.53
C LEU A 24 17.73 4.28 6.00
N MET A 25 18.10 3.10 6.51
CA MET A 25 17.83 2.74 7.91
C MET A 25 18.54 3.68 8.89
N GLY A 26 19.73 4.12 8.50
CA GLY A 26 20.49 5.10 9.29
C GLY A 26 19.76 6.43 9.34
N PHE A 27 19.23 6.86 8.19
CA PHE A 27 18.47 8.11 8.10
C PHE A 27 17.23 8.09 8.98
N VAL A 28 16.46 7.00 8.91
CA VAL A 28 15.25 6.84 9.74
C VAL A 28 15.58 6.88 11.24
N ALA A 29 16.64 6.17 11.64
CA ALA A 29 17.10 6.17 13.03
C ALA A 29 17.43 7.58 13.54
N GLU A 30 18.14 8.35 12.71
CA GLU A 30 18.50 9.73 13.04
C GLU A 30 17.27 10.63 13.13
N GLU A 31 16.33 10.45 12.20
CA GLU A 31 15.04 11.17 12.23
C GLU A 31 14.25 10.88 13.51
N ARG A 32 14.21 9.61 13.91
CA ARG A 32 13.50 9.21 15.13
C ARG A 32 14.08 9.81 16.40
N LYS A 33 15.37 10.20 16.35
CA LYS A 33 16.03 10.82 17.49
C LYS A 33 15.66 12.28 17.66
N HIS A 34 15.27 12.94 16.56
CA HIS A 34 15.05 14.38 16.58
C HIS A 34 13.63 14.80 16.24
N TYR A 35 12.85 13.88 15.67
CA TYR A 35 11.46 14.13 15.32
C TYR A 35 10.60 12.92 15.67
N THR A 36 9.28 13.09 15.59
CA THR A 36 8.37 11.96 15.66
C THR A 36 8.18 11.41 14.25
N VAL A 37 8.45 10.11 14.09
CA VAL A 37 8.38 9.45 12.79
C VAL A 37 7.29 8.39 12.82
N TYR A 38 6.50 8.32 11.74
CA TYR A 38 5.44 7.33 11.63
C TYR A 38 5.70 6.38 10.46
N PRO A 39 5.24 5.12 10.58
CA PRO A 39 4.66 4.52 11.77
C PRO A 39 5.76 4.13 12.78
N PRO A 40 5.38 3.62 13.97
CA PRO A 40 6.38 3.05 14.87
C PRO A 40 7.23 1.99 14.17
N PRO A 41 8.50 1.81 14.60
CA PRO A 41 9.43 0.89 13.93
C PRO A 41 8.86 -0.51 13.71
N HIS A 42 8.13 -1.03 14.70
CA HIS A 42 7.57 -2.38 14.64
C HIS A 42 6.40 -2.52 13.65
N GLN A 43 5.93 -1.39 13.13
CA GLN A 43 4.78 -1.39 12.22
C GLN A 43 5.10 -0.91 10.80
N VAL A 44 6.37 -0.58 10.54
CA VAL A 44 6.81 -0.16 9.21
C VAL A 44 6.53 -1.24 8.15
N PHE A 45 6.73 -2.50 8.53
CA PHE A 45 6.63 -3.62 7.59
C PHE A 45 5.39 -4.52 7.79
N THR A 46 4.31 -3.93 8.33
CA THR A 46 3.06 -4.65 8.58
C THR A 46 2.51 -5.28 7.30
N TRP A 47 2.76 -4.61 6.18
CA TRP A 47 2.38 -5.07 4.84
C TRP A 47 3.00 -6.43 4.44
N THR A 48 3.95 -6.92 5.23
CA THR A 48 4.56 -8.24 5.02
C THR A 48 3.98 -9.31 5.94
N GLN A 49 3.07 -8.92 6.83
CA GLN A 49 2.59 -9.81 7.89
C GLN A 49 1.18 -10.36 7.68
N MET A 50 0.56 -10.04 6.55
CA MET A 50 -0.86 -10.28 6.35
C MET A 50 -1.20 -11.49 5.48
N CYS A 51 -0.32 -11.78 4.52
CA CYS A 51 -0.43 -12.97 3.68
C CYS A 51 0.96 -13.35 3.18
N ASP A 52 1.10 -14.60 2.74
CA ASP A 52 2.33 -15.04 2.07
C ASP A 52 2.47 -14.26 0.76
N ILE A 53 3.71 -13.92 0.41
CA ILE A 53 4.01 -13.14 -0.80
C ILE A 53 3.48 -13.79 -2.09
N LYS A 54 3.44 -15.12 -2.13
CA LYS A 54 2.94 -15.84 -3.31
C LYS A 54 1.41 -15.78 -3.45
N ASP A 55 0.74 -15.36 -2.38
CA ASP A 55 -0.72 -15.27 -2.36
C ASP A 55 -1.22 -13.85 -2.66
N VAL A 56 -0.29 -12.95 -2.97
CA VAL A 56 -0.66 -11.59 -3.36
C VAL A 56 -1.33 -11.64 -4.74
N LYS A 57 -2.50 -11.01 -4.85
CA LYS A 57 -3.25 -10.97 -6.10
C LYS A 57 -3.45 -9.55 -6.60
N VAL A 58 -3.55 -8.62 -5.66
CA VAL A 58 -3.80 -7.21 -5.95
C VAL A 58 -2.79 -6.39 -5.15
N VAL A 59 -2.27 -5.33 -5.76
CA VAL A 59 -1.40 -4.39 -5.07
C VAL A 59 -2.04 -3.00 -5.10
N ILE A 60 -2.36 -2.47 -3.93
CA ILE A 60 -2.71 -1.05 -3.83
C ILE A 60 -1.46 -0.31 -3.39
N LEU A 61 -1.03 0.64 -4.22
CA LEU A 61 0.18 1.41 -3.92
C LEU A 61 -0.16 2.89 -3.74
N GLY A 62 0.12 3.40 -2.56
CA GLY A 62 -0.08 4.82 -2.26
C GLY A 62 1.23 5.58 -2.20
N GLN A 63 1.18 6.80 -1.65
CA GLN A 63 2.32 7.70 -1.60
C GLN A 63 3.25 7.44 -0.42
N ASP A 64 2.75 7.68 0.79
CA ASP A 64 3.52 7.51 2.01
C ASP A 64 2.57 7.39 3.21
N PRO A 65 3.09 7.04 4.40
CA PRO A 65 2.21 6.82 5.55
C PRO A 65 1.51 8.09 6.02
N TYR A 66 0.35 7.91 6.65
CA TYR A 66 -0.33 9.00 7.35
C TYR A 66 0.66 9.67 8.31
N HIS A 67 0.62 11.01 8.35
CA HIS A 67 1.60 11.78 9.11
C HIS A 67 1.01 12.43 10.37
N GLY A 68 -0.15 11.94 10.80
CA GLY A 68 -0.75 12.37 12.07
C GLY A 68 -0.55 11.32 13.16
N PRO A 69 -0.71 11.71 14.43
CA PRO A 69 -0.49 10.76 15.52
C PRO A 69 -1.47 9.58 15.53
N ASN A 70 -0.93 8.39 15.82
CA ASN A 70 -1.69 7.14 15.98
C ASN A 70 -2.48 6.69 14.74
N GLN A 71 -2.05 7.16 13.57
CA GLN A 71 -2.75 6.82 12.32
C GLN A 71 -2.09 5.67 11.55
N ALA A 72 -0.90 5.94 10.99
CA ALA A 72 -0.15 4.96 10.20
C ALA A 72 0.23 3.71 10.99
N HIS A 73 -0.01 2.54 10.40
CA HIS A 73 0.43 1.28 11.03
C HIS A 73 1.01 0.26 10.05
N GLY A 74 1.52 0.73 8.91
CA GLY A 74 2.24 -0.13 7.96
C GLY A 74 1.41 -0.71 6.83
N LEU A 75 0.12 -0.40 6.80
CA LEU A 75 -0.76 -0.74 5.68
C LEU A 75 -1.31 0.55 5.10
N CYS A 76 -1.08 0.76 3.80
CA CYS A 76 -1.51 2.01 3.17
C CYS A 76 -3.00 2.28 3.42
N PHE A 77 -3.28 3.52 3.84
CA PHE A 77 -4.64 4.06 4.03
C PHE A 77 -5.40 3.52 5.25
N SER A 78 -4.80 2.54 5.94
CA SER A 78 -5.44 1.86 7.07
C SER A 78 -5.19 2.53 8.41
N VAL A 79 -6.19 2.50 9.29
CA VAL A 79 -6.01 2.91 10.69
C VAL A 79 -6.62 1.89 11.66
N GLN A 80 -5.86 1.54 12.70
CA GLN A 80 -6.32 0.54 13.66
C GLN A 80 -7.35 1.14 14.61
N ARG A 81 -8.33 0.33 15.02
CA ARG A 81 -9.34 0.75 15.99
C ARG A 81 -8.66 1.28 17.26
N PRO A 82 -9.26 2.31 17.90
CA PRO A 82 -10.53 2.97 17.56
C PRO A 82 -10.36 4.23 16.70
N VAL A 83 -9.20 4.40 16.08
CA VAL A 83 -8.88 5.58 15.28
C VAL A 83 -9.87 5.78 14.13
N PRO A 84 -10.46 6.98 14.01
CA PRO A 84 -11.37 7.27 12.91
C PRO A 84 -10.65 7.23 11.55
N PRO A 85 -11.31 6.66 10.52
CA PRO A 85 -10.79 6.74 9.17
C PRO A 85 -10.46 8.19 8.79
N PRO A 86 -9.20 8.47 8.40
CA PRO A 86 -8.81 9.79 7.91
C PRO A 86 -9.58 10.15 6.64
N PRO A 87 -9.56 11.43 6.24
CA PRO A 87 -10.25 11.88 5.02
C PRO A 87 -9.99 11.02 3.78
N SER A 88 -8.74 10.60 3.58
CA SER A 88 -8.40 9.72 2.45
C SER A 88 -9.23 8.44 2.47
N LEU A 89 -9.30 7.78 3.63
CA LEU A 89 -10.02 6.52 3.76
C LEU A 89 -11.54 6.69 3.61
N GLU A 90 -12.08 7.78 4.12
CA GLU A 90 -13.51 8.08 3.93
C GLU A 90 -13.83 8.23 2.43
N ASN A 91 -12.90 8.82 1.68
CA ASN A 91 -13.02 8.92 0.23
C ASN A 91 -12.97 7.54 -0.44
N ILE A 92 -12.06 6.68 0.02
CA ILE A 92 -12.02 5.29 -0.46
C ILE A 92 -13.35 4.60 -0.19
N TYR A 93 -13.90 4.80 1.01
CA TYR A 93 -15.19 4.23 1.38
C TYR A 93 -16.34 4.80 0.54
N LYS A 94 -16.28 6.09 0.21
CA LYS A 94 -17.27 6.72 -0.66
C LYS A 94 -17.27 6.13 -2.07
N GLU A 95 -16.08 5.89 -2.62
CA GLU A 95 -15.97 5.27 -3.93
C GLU A 95 -16.51 3.83 -3.90
N LEU A 96 -16.16 3.10 -2.85
CA LEU A 96 -16.59 1.72 -2.67
C LEU A 96 -18.11 1.58 -2.59
N SER A 97 -18.77 2.54 -1.96
CA SER A 97 -20.22 2.56 -1.84
C SER A 97 -20.95 2.69 -3.19
N THR A 98 -20.38 3.47 -4.10
CA THR A 98 -20.96 3.61 -5.44
C THR A 98 -20.51 2.50 -6.39
N ASP A 99 -19.29 1.99 -6.17
CA ASP A 99 -18.68 1.01 -7.05
C ASP A 99 -19.15 -0.42 -6.76
N ILE A 100 -19.28 -0.74 -5.47
CA ILE A 100 -19.65 -2.08 -5.02
C ILE A 100 -21.05 -2.01 -4.41
N GLU A 101 -22.01 -2.65 -5.08
CA GLU A 101 -23.44 -2.57 -4.73
C GLU A 101 -23.72 -2.80 -3.24
N ASP A 102 -23.11 -3.85 -2.69
CA ASP A 102 -23.40 -4.28 -1.32
C ASP A 102 -22.51 -3.64 -0.24
N PHE A 103 -21.57 -2.78 -0.64
CA PHE A 103 -20.65 -2.17 0.31
C PHE A 103 -21.30 -1.06 1.13
N VAL A 104 -21.12 -1.15 2.45
CA VAL A 104 -21.50 -0.07 3.37
C VAL A 104 -20.32 0.23 4.28
N HIS A 105 -20.24 1.47 4.77
CA HIS A 105 -19.20 1.91 5.69
C HIS A 105 -19.06 0.90 6.85
N PRO A 106 -17.83 0.40 7.07
CA PRO A 106 -17.61 -0.66 8.07
C PRO A 106 -17.58 -0.19 9.53
N GLY A 107 -17.49 1.12 9.74
CA GLY A 107 -17.49 1.70 11.08
C GLY A 107 -16.14 1.72 11.75
N HIS A 108 -15.09 1.48 10.96
CA HIS A 108 -13.71 1.52 11.41
C HIS A 108 -12.81 1.68 10.18
N GLY A 109 -11.51 1.83 10.40
CA GLY A 109 -10.57 2.05 9.30
C GLY A 109 -9.49 1.00 9.11
N ASP A 110 -9.66 -0.16 9.74
CA ASP A 110 -8.65 -1.21 9.69
C ASP A 110 -8.79 -2.06 8.43
N LEU A 111 -7.81 -1.96 7.54
CA LEU A 111 -7.87 -2.63 6.23
C LEU A 111 -7.17 -4.00 6.21
N SER A 112 -6.88 -4.53 7.39
CA SER A 112 -6.27 -5.86 7.53
C SER A 112 -7.08 -6.93 6.82
N GLY A 113 -8.40 -6.78 6.84
CA GLY A 113 -9.31 -7.68 6.13
C GLY A 113 -8.97 -7.87 4.65
N TRP A 114 -8.64 -6.76 3.97
CA TRP A 114 -8.23 -6.83 2.57
C TRP A 114 -6.86 -7.48 2.41
N ALA A 115 -5.93 -7.08 3.26
CA ALA A 115 -4.55 -7.57 3.20
C ALA A 115 -4.46 -9.09 3.34
N LYS A 116 -5.29 -9.64 4.23
CA LYS A 116 -5.38 -11.09 4.45
C LYS A 116 -5.87 -11.85 3.22
N GLN A 117 -6.63 -11.16 2.37
CA GLN A 117 -7.16 -11.75 1.12
C GLN A 117 -6.17 -11.67 -0.05
N GLY A 118 -4.96 -11.18 0.21
CA GLY A 118 -3.93 -11.08 -0.82
C GLY A 118 -3.90 -9.74 -1.53
N VAL A 119 -4.39 -8.70 -0.86
CA VAL A 119 -4.24 -7.33 -1.35
C VAL A 119 -3.05 -6.68 -0.62
N LEU A 120 -1.92 -6.52 -1.31
CA LEU A 120 -0.75 -5.84 -0.73
C LEU A 120 -1.05 -4.35 -0.58
N LEU A 121 -1.05 -3.87 0.66
CA LEU A 121 -1.30 -2.46 0.94
C LEU A 121 0.03 -1.73 1.16
N LEU A 122 0.66 -1.37 0.05
CA LEU A 122 1.99 -0.78 0.07
C LEU A 122 1.94 0.73 -0.20
N ASN A 123 2.87 1.45 0.43
CA ASN A 123 3.18 2.82 0.06
C ASN A 123 4.55 2.88 -0.60
N ALA A 124 4.74 3.82 -1.52
CA ALA A 124 6.02 3.98 -2.22
C ALA A 124 7.15 4.33 -1.27
N VAL A 125 6.82 5.15 -0.26
CA VAL A 125 7.74 5.52 0.82
C VAL A 125 7.11 5.02 2.12
N LEU A 126 7.94 4.44 2.99
CA LEU A 126 7.41 3.65 4.12
C LEU A 126 7.52 4.27 5.53
N THR A 127 8.20 5.40 5.63
CA THR A 127 8.16 6.22 6.85
C THR A 127 7.84 7.68 6.51
N VAL A 128 7.48 8.47 7.53
CA VAL A 128 7.20 9.89 7.33
C VAL A 128 7.46 10.67 8.63
N ARG A 129 7.95 11.91 8.48
CA ARG A 129 8.11 12.81 9.62
C ARG A 129 6.75 13.41 9.96
N ALA A 130 6.42 13.44 11.24
CA ALA A 130 5.14 13.99 11.71
C ALA A 130 4.79 15.30 10.99
N HIS A 131 3.54 15.39 10.54
CA HIS A 131 2.95 16.61 9.97
C HIS A 131 3.53 17.08 8.63
N GLN A 132 4.36 16.24 8.01
CA GLN A 132 5.02 16.62 6.75
C GLN A 132 4.90 15.54 5.69
N ALA A 133 3.88 15.63 4.85
CA ALA A 133 3.65 14.65 3.80
C ALA A 133 4.86 14.53 2.86
N ASN A 134 5.27 13.29 2.62
CA ASN A 134 6.34 12.96 1.67
C ASN A 134 7.72 13.49 2.06
N SER A 135 7.90 13.77 3.36
CA SER A 135 9.17 14.29 3.88
C SER A 135 10.31 13.28 3.81
N HIS A 136 9.97 12.00 3.73
CA HIS A 136 10.98 10.94 3.65
C HIS A 136 11.16 10.38 2.25
N LYS A 137 10.71 11.12 1.23
CA LYS A 137 10.91 10.74 -0.16
C LYS A 137 12.39 10.91 -0.56
N GLU A 138 12.80 10.19 -1.61
CA GLU A 138 14.16 10.28 -2.16
C GLU A 138 15.24 10.01 -1.12
N ARG A 139 15.00 9.04 -0.24
CA ARG A 139 15.94 8.70 0.83
C ARG A 139 16.38 7.23 0.79
N GLY A 140 15.82 6.46 -0.13
CA GLY A 140 16.12 5.03 -0.24
C GLY A 140 14.89 4.13 -0.29
N TRP A 141 13.74 4.61 0.18
CA TRP A 141 12.52 3.78 0.19
C TRP A 141 12.06 3.37 -1.22
N GLU A 142 12.20 4.28 -2.18
CA GLU A 142 11.77 4.06 -3.56
C GLU A 142 12.46 2.84 -4.17
N GLN A 143 13.76 2.74 -3.98
CA GLN A 143 14.52 1.58 -4.45
C GLN A 143 14.06 0.29 -3.77
N PHE A 144 13.74 0.36 -2.47
CA PHE A 144 13.27 -0.81 -1.75
C PHE A 144 11.88 -1.28 -2.23
N THR A 145 10.95 -0.34 -2.36
CA THR A 145 9.61 -0.67 -2.86
C THR A 145 9.63 -1.04 -4.35
N ASP A 146 10.60 -0.53 -5.11
CA ASP A 146 10.88 -1.02 -6.47
C ASP A 146 11.21 -2.51 -6.45
N ALA A 147 11.96 -2.95 -5.44
CA ALA A 147 12.35 -4.36 -5.30
C ALA A 147 11.15 -5.24 -4.99
N VAL A 148 10.19 -4.69 -4.26
CA VAL A 148 8.93 -5.38 -3.96
C VAL A 148 8.11 -5.58 -5.24
N VAL A 149 7.87 -4.48 -5.96
CA VAL A 149 7.11 -4.52 -7.23
C VAL A 149 7.80 -5.42 -8.26
N SER A 150 9.12 -5.29 -8.39
CA SER A 150 9.88 -6.05 -9.37
C SER A 150 9.82 -7.58 -9.10
N TRP A 151 9.90 -7.98 -7.84
CA TRP A 151 9.81 -9.40 -7.51
C TRP A 151 8.44 -9.96 -7.89
N LEU A 152 7.39 -9.22 -7.55
CA LEU A 152 6.02 -9.61 -7.88
C LEU A 152 5.77 -9.65 -9.39
N ASN A 153 6.28 -8.63 -10.09
CA ASN A 153 6.23 -8.60 -11.54
C ASN A 153 6.79 -9.87 -12.21
N GLN A 154 7.90 -10.37 -11.67
CA GLN A 154 8.67 -11.46 -12.26
C GLN A 154 8.14 -12.85 -11.86
N ASN A 155 7.68 -12.98 -10.62
CA ASN A 155 7.29 -14.28 -10.08
C ASN A 155 5.79 -14.57 -10.07
N SER A 156 4.99 -13.62 -10.53
CA SER A 156 3.54 -13.77 -10.55
C SER A 156 2.96 -13.56 -11.94
N ASN A 157 1.67 -13.83 -12.09
CA ASN A 157 0.93 -13.58 -13.33
C ASN A 157 -0.45 -13.03 -13.03
N GLY A 158 -0.88 -12.07 -13.84
CA GLY A 158 -2.23 -11.53 -13.77
C GLY A 158 -2.54 -10.75 -12.50
N LEU A 159 -1.53 -10.09 -11.94
CA LEU A 159 -1.73 -9.22 -10.78
C LEU A 159 -2.45 -7.95 -11.18
N VAL A 160 -3.16 -7.36 -10.22
CA VAL A 160 -3.80 -6.07 -10.44
C VAL A 160 -3.08 -5.03 -9.59
N PHE A 161 -2.38 -4.10 -10.25
CA PHE A 161 -1.69 -3.02 -9.56
C PHE A 161 -2.58 -1.76 -9.62
N LEU A 162 -2.93 -1.24 -8.45
CA LEU A 162 -3.69 0.01 -8.35
C LEU A 162 -2.76 1.11 -7.85
N LEU A 163 -2.38 2.01 -8.75
CA LEU A 163 -1.39 3.04 -8.47
C LEU A 163 -2.07 4.38 -8.23
N TRP A 164 -2.12 4.76 -6.95
CA TRP A 164 -2.87 5.93 -6.53
C TRP A 164 -1.94 7.11 -6.24
N GLY A 165 -1.94 8.07 -7.17
CA GLY A 165 -1.12 9.25 -7.04
C GLY A 165 0.16 9.21 -7.86
N SER A 166 0.73 10.38 -8.09
CA SER A 166 1.91 10.53 -8.93
C SER A 166 3.09 9.66 -8.49
N TYR A 167 3.34 9.64 -7.19
CA TYR A 167 4.50 8.94 -6.63
C TYR A 167 4.40 7.41 -6.72
N ALA A 168 3.20 6.86 -6.47
CA ALA A 168 2.94 5.44 -6.70
C ALA A 168 3.13 5.08 -8.17
N GLN A 169 2.68 5.96 -9.06
CA GLN A 169 2.70 5.74 -10.50
C GLN A 169 4.09 5.70 -11.12
N LYS A 170 5.09 6.12 -10.36
CA LYS A 170 6.49 6.02 -10.79
C LYS A 170 6.91 4.57 -11.00
N LYS A 171 6.19 3.65 -10.37
CA LYS A 171 6.50 2.22 -10.44
C LYS A 171 5.85 1.52 -11.62
N GLY A 172 4.99 2.24 -12.35
CA GLY A 172 4.33 1.71 -13.54
C GLY A 172 5.25 1.15 -14.60
N SER A 173 6.44 1.75 -14.74
CA SER A 173 7.40 1.36 -15.77
C SER A 173 8.03 -0.01 -15.52
N ALA A 174 8.05 -0.43 -14.26
CA ALA A 174 8.63 -1.73 -13.88
C ALA A 174 7.63 -2.89 -14.02
N ILE A 175 6.40 -2.57 -14.39
CA ILE A 175 5.36 -3.59 -14.50
C ILE A 175 5.08 -3.94 -15.96
N ASP A 176 5.16 -5.23 -16.28
CA ASP A 176 4.76 -5.75 -17.58
C ASP A 176 3.26 -5.51 -17.76
N ARG A 177 2.93 -4.57 -18.65
CA ARG A 177 1.56 -4.05 -18.78
C ARG A 177 0.57 -5.01 -19.45
N LYS A 178 1.09 -6.07 -20.07
CA LYS A 178 0.25 -7.10 -20.66
C LYS A 178 0.09 -8.28 -19.71
N ARG A 179 1.18 -8.62 -19.02
CA ARG A 179 1.21 -9.75 -18.09
C ARG A 179 0.41 -9.44 -16.82
N HIS A 180 0.50 -8.20 -16.37
CA HIS A 180 -0.25 -7.72 -15.23
C HIS A 180 -1.12 -6.55 -15.65
N HIS A 181 -2.02 -6.12 -14.77
CA HIS A 181 -3.00 -5.10 -15.11
C HIS A 181 -2.85 -3.89 -14.22
N VAL A 182 -2.41 -2.79 -14.83
CA VAL A 182 -2.14 -1.55 -14.12
C VAL A 182 -3.30 -0.57 -14.29
N LEU A 183 -3.92 -0.22 -13.17
CA LEU A 183 -4.93 0.83 -13.13
C LEU A 183 -4.39 2.01 -12.35
N GLN A 184 -4.56 3.21 -12.91
CA GLN A 184 -3.95 4.42 -12.37
C GLN A 184 -4.96 5.53 -12.19
N THR A 185 -4.98 6.12 -10.99
CA THR A 185 -5.85 7.24 -10.71
C THR A 185 -5.25 8.15 -9.65
N ALA A 186 -5.90 9.29 -9.41
CA ALA A 186 -5.47 10.26 -8.40
C ALA A 186 -5.50 9.67 -7.00
N HIS A 187 -4.64 10.23 -6.14
CA HIS A 187 -4.59 9.88 -4.73
C HIS A 187 -5.93 10.27 -4.06
N PRO A 188 -6.48 9.39 -3.19
CA PRO A 188 -7.78 9.63 -2.54
C PRO A 188 -7.83 10.73 -1.47
N SER A 189 -6.68 11.35 -1.17
CA SER A 189 -6.67 12.54 -0.32
C SER A 189 -7.61 13.61 -0.90
N PRO A 190 -8.35 14.33 -0.02
CA PRO A 190 -9.24 15.41 -0.46
C PRO A 190 -8.57 16.43 -1.38
N LEU A 191 -7.25 16.60 -1.23
CA LEU A 191 -6.49 17.53 -2.07
C LEU A 191 -6.43 17.13 -3.55
N SER A 192 -6.61 15.83 -3.81
CA SER A 192 -6.43 15.29 -5.16
C SER A 192 -7.57 14.41 -5.66
N VAL A 193 -8.42 13.94 -4.75
CA VAL A 193 -9.48 12.95 -5.05
C VAL A 193 -10.36 13.31 -6.27
N TYR A 194 -10.68 14.60 -6.39
CA TYR A 194 -11.54 15.13 -7.44
C TYR A 194 -10.92 15.02 -8.83
N ARG A 195 -9.65 14.64 -8.91
CA ARG A 195 -8.93 14.52 -10.18
C ARG A 195 -9.03 13.14 -10.81
N GLY A 196 -10.04 12.36 -10.42
CA GLY A 196 -10.29 11.07 -11.06
C GLY A 196 -10.57 9.88 -10.15
N PHE A 197 -10.16 9.99 -8.88
CA PHE A 197 -10.38 8.88 -7.95
C PHE A 197 -11.88 8.56 -7.82
N PHE A 198 -12.68 9.59 -7.56
CA PHE A 198 -14.12 9.44 -7.52
C PHE A 198 -14.58 9.06 -8.93
N GLY A 199 -15.16 7.87 -9.05
CA GLY A 199 -15.60 7.35 -10.34
C GLY A 199 -14.60 6.44 -11.04
N CYS A 200 -13.46 6.18 -10.41
CA CYS A 200 -12.42 5.33 -11.02
C CYS A 200 -12.84 3.86 -11.09
N ARG A 201 -13.74 3.47 -10.20
CA ARG A 201 -14.31 2.11 -10.16
C ARG A 201 -13.24 1.00 -10.10
N HIS A 202 -12.11 1.28 -9.44
CA HIS A 202 -10.98 0.35 -9.36
C HIS A 202 -11.32 -0.97 -8.68
N PHE A 203 -12.25 -0.92 -7.73
CA PHE A 203 -12.58 -2.09 -6.92
C PHE A 203 -13.37 -3.14 -7.70
N SER A 204 -14.38 -2.69 -8.44
CA SER A 204 -15.15 -3.58 -9.30
C SER A 204 -14.32 -4.06 -10.50
N LYS A 205 -13.52 -3.15 -11.06
CA LYS A 205 -12.64 -3.49 -12.18
C LYS A 205 -11.61 -4.55 -11.82
N THR A 206 -11.05 -4.43 -10.62
CA THR A 206 -10.09 -5.40 -10.08
C THR A 206 -10.70 -6.80 -10.10
N ASN A 207 -11.88 -6.93 -9.50
CA ASN A 207 -12.57 -8.21 -9.43
C ASN A 207 -12.96 -8.77 -10.78
N GLU A 208 -13.32 -7.89 -11.72
CA GLU A 208 -13.59 -8.29 -13.11
C GLU A 208 -12.36 -8.98 -13.71
N LEU A 209 -11.19 -8.36 -13.52
CA LEU A 209 -9.93 -8.90 -14.02
C LEU A 209 -9.58 -10.23 -13.35
N LEU A 210 -9.76 -10.30 -12.03
CA LEU A 210 -9.46 -11.51 -11.26
C LEU A 210 -10.36 -12.68 -11.65
N GLN A 211 -11.66 -12.42 -11.76
CA GLN A 211 -12.63 -13.45 -12.11
C GLN A 211 -12.40 -13.96 -13.54
N LYS A 212 -12.03 -13.06 -14.45
CA LYS A 212 -11.66 -13.43 -15.81
C LYS A 212 -10.48 -14.40 -15.85
N SER A 213 -9.50 -14.19 -14.98
CA SER A 213 -8.32 -15.05 -14.91
C SER A 213 -8.59 -16.33 -14.11
N GLY A 214 -9.83 -16.50 -13.66
CA GLY A 214 -10.22 -17.68 -12.88
C GLY A 214 -9.84 -17.64 -11.42
N LYS A 215 -9.47 -16.45 -10.92
CA LYS A 215 -9.09 -16.28 -9.52
C LYS A 215 -10.29 -15.84 -8.68
N LYS A 216 -10.24 -16.12 -7.38
CA LYS A 216 -11.27 -15.65 -6.45
C LYS A 216 -11.19 -14.12 -6.31
N PRO A 217 -12.34 -13.43 -6.44
CA PRO A 217 -12.37 -11.98 -6.26
C PRO A 217 -12.10 -11.56 -4.81
N ILE A 218 -11.76 -10.28 -4.63
CA ILE A 218 -11.63 -9.71 -3.30
C ILE A 218 -13.03 -9.36 -2.79
N ASP A 219 -13.33 -9.78 -1.57
CA ASP A 219 -14.53 -9.33 -0.89
C ASP A 219 -14.18 -8.04 -0.18
N TRP A 220 -14.52 -6.92 -0.81
CA TRP A 220 -14.18 -5.60 -0.29
C TRP A 220 -14.93 -5.26 1.00
N LYS A 221 -16.01 -6.00 1.25
CA LYS A 221 -16.79 -5.87 2.49
C LYS A 221 -16.13 -6.59 3.67
N GLU A 222 -15.23 -7.53 3.36
CA GLU A 222 -14.62 -8.39 4.38
C GLU A 222 -13.51 -7.64 5.11
N LEU A 223 -13.91 -6.91 6.16
CA LEU A 223 -13.01 -6.12 6.98
C LEU A 223 -13.29 -6.36 8.45
#